data_2BYK
#
_entry.id   2BYK
#
_cell.length_a   76.010
_cell.length_b   76.010
_cell.length_c   166.080
_cell.angle_alpha   90.00
_cell.angle_beta   90.00
_cell.angle_gamma   120.00
#
_symmetry.space_group_name_H-M   'P 32 2 1'
#
loop_
_entity.id
_entity.type
_entity.pdbx_description
1 polymer CHRAC-16
2 polymer CHRAC-14
3 non-polymer 'SULFATE ION'
4 water water
#
loop_
_entity_poly.entity_id
_entity_poly.type
_entity_poly.pdbx_seq_one_letter_code
_entity_poly.pdbx_strand_id
1 'polypeptide(L)'
;MGEPRSQPPVERPPTAETFLPLSRVRTIMKSSMDTGLITNEVLFLMTKCTELFVRHLAGAAYTEEFGQRPGEALKYEHLS
QVVNKNKNLEFLLQIVPQKIRVHQFQEMLRLNRSAGSDDDDDDDDDDDEEESESESESDE
;
A,C
2 'polypeptide(L)'
;MVERIEDLNLPNAVIGRLIKEALPESASVSKEARAAIARAASVFAIFVTSSSTALAHKQNHKTITAKDILQTLTELDFES
FVPSLTQDLEVYRKVVKEKKESKASKKDSNTAENANASATATAEEAPE
;
B,D
#
loop_
_chem_comp.id
_chem_comp.type
_chem_comp.name
_chem_comp.formula
SO4 non-polymer 'SULFATE ION' 'O4 S -2'
#
# COMPACT_ATOMS: atom_id res chain seq x y z
N MET A 29 -5.76 19.80 -19.19
CA MET A 29 -6.26 18.73 -18.27
C MET A 29 -5.13 18.14 -17.42
N LYS A 30 -4.04 18.90 -17.30
CA LYS A 30 -2.88 18.47 -16.53
C LYS A 30 -2.76 19.24 -15.21
N SER A 31 -3.91 19.62 -14.68
CA SER A 31 -4.02 20.31 -13.41
C SER A 31 -5.25 19.62 -12.80
N SER A 32 -5.93 18.83 -13.64
CA SER A 32 -7.13 18.05 -13.26
C SER A 32 -6.80 16.55 -13.19
N MET A 33 -5.52 16.22 -13.30
CA MET A 33 -5.03 14.85 -13.19
C MET A 33 -4.80 14.71 -11.68
N ASP A 34 -4.53 15.87 -11.07
CA ASP A 34 -4.28 16.01 -9.63
C ASP A 34 -5.62 16.05 -8.91
N THR A 35 -6.56 15.27 -9.43
CA THR A 35 -7.88 15.19 -8.84
C THR A 35 -7.97 13.82 -8.16
N GLY A 36 -8.82 13.70 -7.14
CA GLY A 36 -8.95 12.44 -6.44
C GLY A 36 -7.73 12.14 -5.58
N LEU A 37 -7.15 13.19 -5.01
CA LEU A 37 -5.96 13.08 -4.18
C LEU A 37 -6.22 12.34 -2.87
N ILE A 38 -5.21 11.65 -2.36
CA ILE A 38 -5.35 10.95 -1.10
C ILE A 38 -4.90 11.87 0.02
N THR A 39 -5.77 12.07 1.01
CA THR A 39 -5.48 12.97 2.12
C THR A 39 -4.68 12.31 3.24
N ASN A 40 -4.15 13.13 4.14
CA ASN A 40 -3.39 12.64 5.27
C ASN A 40 -4.31 11.83 6.15
N GLU A 41 -5.53 12.34 6.33
CA GLU A 41 -6.48 11.63 7.15
C GLU A 41 -6.72 10.23 6.58
N VAL A 42 -6.68 10.11 5.25
CA VAL A 42 -6.90 8.81 4.59
C VAL A 42 -5.69 7.88 4.67
N LEU A 43 -4.49 8.42 4.52
CA LEU A 43 -3.28 7.59 4.62
C LEU A 43 -3.36 6.95 6.00
N PHE A 44 -3.67 7.78 6.99
CA PHE A 44 -3.80 7.36 8.38
C PHE A 44 -4.78 6.19 8.56
N LEU A 45 -6.03 6.42 8.20
CA LEU A 45 -7.05 5.39 8.34
C LEU A 45 -6.65 4.12 7.58
N MET A 46 -6.11 4.28 6.38
CA MET A 46 -5.68 3.14 5.58
C MET A 46 -4.61 2.33 6.28
N THR A 47 -3.68 3.01 6.92
CA THR A 47 -2.60 2.34 7.62
C THR A 47 -3.09 1.67 8.88
N LYS A 48 -3.98 2.35 9.60
CA LYS A 48 -4.53 1.81 10.85
C LYS A 48 -5.33 0.54 10.65
N CYS A 49 -6.12 0.48 9.59
CA CYS A 49 -6.95 -0.70 9.33
C CYS A 49 -6.21 -1.85 8.67
N THR A 50 -5.07 -1.56 8.05
CA THR A 50 -4.28 -2.62 7.43
C THR A 50 -3.55 -3.35 8.55
N GLU A 51 -3.27 -2.62 9.63
CA GLU A 51 -2.61 -3.20 10.79
C GLU A 51 -3.64 -4.06 11.52
N LEU A 52 -4.86 -3.54 11.61
CA LEU A 52 -5.94 -4.26 12.26
C LEU A 52 -6.18 -5.56 11.52
N PHE A 53 -6.15 -5.48 10.18
CA PHE A 53 -6.34 -6.66 9.36
C PHE A 53 -5.23 -7.69 9.56
N VAL A 54 -3.98 -7.23 9.63
CA VAL A 54 -2.85 -8.14 9.84
C VAL A 54 -3.06 -8.91 11.15
N ARG A 55 -3.42 -8.18 12.21
CA ARG A 55 -3.66 -8.79 13.51
C ARG A 55 -4.89 -9.68 13.47
N HIS A 56 -5.93 -9.25 12.78
CA HIS A 56 -7.13 -10.04 12.65
C HIS A 56 -6.79 -11.36 11.99
N LEU A 57 -6.14 -11.26 10.84
CA LEU A 57 -5.77 -12.43 10.06
C LEU A 57 -4.89 -13.42 10.81
N ALA A 58 -3.83 -12.92 11.41
CA ALA A 58 -2.92 -13.76 12.16
C ALA A 58 -3.70 -14.48 13.25
N GLY A 59 -4.38 -13.71 14.09
CA GLY A 59 -5.16 -14.24 15.20
C GLY A 59 -6.30 -15.18 14.84
N ALA A 60 -6.97 -14.91 13.72
CA ALA A 60 -8.07 -15.77 13.31
C ALA A 60 -7.51 -17.12 12.87
N ALA A 61 -6.38 -17.08 12.15
CA ALA A 61 -5.76 -18.30 11.66
C ALA A 61 -5.40 -19.21 12.82
N TYR A 62 -4.90 -18.59 13.88
CA TYR A 62 -4.48 -19.33 15.07
C TYR A 62 -5.65 -19.90 15.88
N THR A 63 -6.61 -19.05 16.23
CA THR A 63 -7.77 -19.50 16.99
C THR A 63 -8.48 -20.64 16.26
N GLU A 64 -8.77 -20.42 14.98
CA GLU A 64 -9.46 -21.39 14.13
C GLU A 64 -8.77 -22.76 14.09
N GLU A 65 -7.47 -22.79 14.38
CA GLU A 65 -6.74 -24.05 14.35
C GLU A 65 -6.43 -24.64 15.73
N PHE A 66 -6.09 -23.78 16.69
CA PHE A 66 -5.75 -24.28 18.01
C PHE A 66 -6.72 -23.83 19.09
N GLY A 67 -7.69 -23.01 18.71
CA GLY A 67 -8.63 -22.53 19.69
C GLY A 67 -7.88 -21.70 20.70
N GLN A 68 -7.94 -22.08 21.98
CA GLN A 68 -7.23 -21.33 23.00
C GLN A 68 -5.97 -22.05 23.51
N ARG A 69 -5.47 -23.03 22.75
CA ARG A 69 -4.25 -23.75 23.14
C ARG A 69 -3.05 -22.84 22.85
N PRO A 70 -2.11 -22.72 23.81
CA PRO A 70 -0.91 -21.87 23.69
C PRO A 70 0.37 -22.54 23.22
N GLY A 71 1.35 -21.73 22.86
CA GLY A 71 2.65 -22.21 22.42
C GLY A 71 2.68 -23.05 21.15
N GLU A 72 1.74 -22.80 20.24
CA GLU A 72 1.64 -23.55 18.99
C GLU A 72 2.35 -22.91 17.81
N ALA A 73 2.58 -23.70 16.77
CA ALA A 73 3.24 -23.20 15.56
C ALA A 73 2.26 -23.00 14.41
N LEU A 74 2.03 -21.73 14.08
CA LEU A 74 1.14 -21.37 12.99
C LEU A 74 1.89 -21.62 11.66
N LYS A 75 1.41 -22.57 10.88
CA LYS A 75 2.03 -22.88 9.58
C LYS A 75 1.19 -22.27 8.45
N TYR A 76 1.68 -22.41 7.23
CA TYR A 76 0.99 -21.87 6.07
C TYR A 76 -0.40 -22.46 5.90
N GLU A 77 -0.53 -23.76 6.15
CA GLU A 77 -1.79 -24.48 6.03
C GLU A 77 -2.95 -23.81 6.78
N HIS A 78 -2.64 -23.25 7.94
CA HIS A 78 -3.63 -22.60 8.78
C HIS A 78 -4.17 -21.34 8.13
N LEU A 79 -3.29 -20.59 7.50
CA LEU A 79 -3.71 -19.37 6.83
C LEU A 79 -4.57 -19.68 5.62
N SER A 80 -4.19 -20.65 4.81
CA SER A 80 -5.02 -20.99 3.66
C SER A 80 -6.33 -21.56 4.20
N GLN A 81 -6.28 -22.18 5.38
CA GLN A 81 -7.47 -22.75 6.00
C GLN A 81 -8.47 -21.67 6.42
N VAL A 82 -7.99 -20.58 7.00
CA VAL A 82 -8.90 -19.51 7.41
C VAL A 82 -9.40 -18.73 6.20
N VAL A 83 -8.61 -18.71 5.14
CA VAL A 83 -9.02 -18.02 3.92
C VAL A 83 -10.12 -18.87 3.27
N ASN A 84 -9.98 -20.19 3.37
CA ASN A 84 -10.96 -21.11 2.80
C ASN A 84 -12.26 -21.04 3.55
N LYS A 85 -12.14 -21.06 4.87
CA LYS A 85 -13.28 -21.06 5.76
C LYS A 85 -13.89 -19.71 6.12
N ASN A 86 -13.45 -18.62 5.50
CA ASN A 86 -14.01 -17.31 5.82
C ASN A 86 -14.41 -16.51 4.58
N LYS A 87 -15.65 -16.03 4.59
CA LYS A 87 -16.19 -15.27 3.47
C LYS A 87 -15.60 -13.90 3.25
N ASN A 88 -15.26 -13.20 4.33
CA ASN A 88 -14.69 -11.87 4.17
C ASN A 88 -13.24 -11.99 3.71
N LEU A 89 -12.65 -13.18 3.87
CA LEU A 89 -11.27 -13.41 3.45
C LEU A 89 -11.27 -14.01 2.05
N GLU A 90 -12.44 -13.98 1.42
CA GLU A 90 -12.60 -14.53 0.09
C GLU A 90 -11.64 -13.91 -0.93
N PHE A 91 -11.45 -12.60 -0.87
CA PHE A 91 -10.56 -11.90 -1.81
C PHE A 91 -9.08 -12.33 -1.76
N LEU A 92 -8.71 -13.10 -0.73
CA LEU A 92 -7.33 -13.57 -0.57
C LEU A 92 -7.11 -14.95 -1.19
N LEU A 93 -8.14 -15.48 -1.83
CA LEU A 93 -8.04 -16.80 -2.42
C LEU A 93 -6.90 -16.97 -3.41
N GLN A 94 -6.72 -16.02 -4.33
CA GLN A 94 -5.64 -16.17 -5.30
C GLN A 94 -4.25 -15.88 -4.71
N ILE A 95 -4.19 -14.95 -3.75
CA ILE A 95 -2.94 -14.57 -3.11
C ILE A 95 -2.47 -15.57 -2.03
N VAL A 96 -3.40 -16.36 -1.50
CA VAL A 96 -3.06 -17.36 -0.50
C VAL A 96 -3.65 -18.67 -0.99
N PRO A 97 -2.96 -19.34 -1.92
CA PRO A 97 -3.37 -20.61 -2.52
C PRO A 97 -3.46 -21.78 -1.55
N GLN A 98 -4.01 -22.89 -2.03
CA GLN A 98 -4.16 -24.10 -1.24
C GLN A 98 -2.79 -24.69 -0.94
N LYS A 99 -1.91 -24.71 -1.93
CA LYS A 99 -0.56 -25.25 -1.74
C LYS A 99 0.56 -24.28 -2.14
N ILE A 100 1.46 -24.02 -1.18
CA ILE A 100 2.61 -23.13 -1.35
C ILE A 100 3.76 -23.88 -2.03
N PRO B 11 7.09 -3.19 6.45
CA PRO B 11 6.27 -4.25 5.86
C PRO B 11 6.75 -5.65 6.24
N ASN B 12 8.06 -5.82 6.36
CA ASN B 12 8.65 -7.11 6.71
C ASN B 12 8.96 -7.07 8.22
N ALA B 13 9.31 -5.88 8.69
CA ALA B 13 9.65 -5.66 10.10
C ALA B 13 8.45 -5.37 10.99
N VAL B 14 7.68 -4.35 10.62
CA VAL B 14 6.50 -3.94 11.38
C VAL B 14 5.35 -4.98 11.34
N ILE B 15 5.34 -5.86 10.35
CA ILE B 15 4.29 -6.86 10.26
C ILE B 15 4.62 -8.05 11.13
N GLY B 16 5.90 -8.24 11.40
CA GLY B 16 6.29 -9.36 12.25
C GLY B 16 5.90 -9.05 13.68
N ARG B 17 5.94 -7.77 14.02
CA ARG B 17 5.59 -7.28 15.35
C ARG B 17 4.06 -7.32 15.52
N LEU B 18 3.37 -7.09 14.41
CA LEU B 18 1.91 -7.13 14.38
C LEU B 18 1.45 -8.56 14.61
N ILE B 19 2.11 -9.51 13.94
CA ILE B 19 1.77 -10.92 14.10
C ILE B 19 2.16 -11.46 15.50
N LYS B 20 3.29 -11.02 16.04
CA LYS B 20 3.69 -11.48 17.38
C LYS B 20 2.75 -10.91 18.43
N GLU B 21 2.29 -9.70 18.20
CA GLU B 21 1.39 -9.00 19.10
C GLU B 21 -0.02 -9.60 19.13
N ALA B 22 -0.44 -10.21 18.02
CA ALA B 22 -1.76 -10.81 17.87
C ALA B 22 -1.86 -12.26 18.38
N LEU B 23 -0.77 -13.01 18.29
CA LEU B 23 -0.74 -14.40 18.72
C LEU B 23 -0.27 -14.51 20.16
N PRO B 24 -0.56 -15.63 20.84
CA PRO B 24 -0.13 -15.83 22.22
C PRO B 24 1.38 -15.61 22.29
N GLU B 25 1.87 -14.96 23.33
CA GLU B 25 3.29 -14.67 23.46
C GLU B 25 4.19 -15.92 23.37
N SER B 26 3.57 -17.09 23.45
CA SER B 26 4.29 -18.36 23.40
C SER B 26 4.20 -19.07 22.05
N ALA B 27 3.29 -18.60 21.19
CA ALA B 27 3.08 -19.20 19.87
C ALA B 27 4.16 -18.81 18.87
N SER B 28 4.11 -19.38 17.66
CA SER B 28 5.09 -19.07 16.63
C SER B 28 4.50 -19.09 15.21
N VAL B 29 5.17 -18.39 14.27
CA VAL B 29 4.71 -18.34 12.88
C VAL B 29 5.88 -18.69 11.97
N SER B 30 5.66 -19.63 11.06
CA SER B 30 6.71 -20.06 10.15
C SER B 30 7.06 -18.95 9.16
N LYS B 31 8.30 -19.00 8.68
CA LYS B 31 8.80 -18.01 7.73
C LYS B 31 7.83 -17.93 6.56
N GLU B 32 7.13 -19.03 6.35
CA GLU B 32 6.16 -19.14 5.27
C GLU B 32 4.84 -18.40 5.55
N ALA B 33 4.29 -18.64 6.74
CA ALA B 33 3.03 -18.03 7.15
C ALA B 33 3.14 -16.52 7.21
N ARG B 34 4.23 -16.03 7.79
CA ARG B 34 4.43 -14.59 7.89
C ARG B 34 4.51 -13.94 6.52
N ALA B 35 5.01 -14.67 5.53
CA ALA B 35 5.14 -14.16 4.17
C ALA B 35 3.76 -13.98 3.59
N ALA B 36 2.91 -14.99 3.77
CA ALA B 36 1.55 -14.95 3.28
C ALA B 36 0.81 -13.78 3.92
N ILE B 37 0.86 -13.70 5.24
CA ILE B 37 0.20 -12.63 5.98
C ILE B 37 0.58 -11.27 5.42
N ALA B 38 1.87 -11.08 5.20
CA ALA B 38 2.34 -9.82 4.67
C ALA B 38 1.76 -9.57 3.27
N ARG B 39 1.74 -10.60 2.42
CA ARG B 39 1.21 -10.44 1.09
C ARG B 39 -0.26 -10.09 1.18
N ALA B 40 -0.95 -10.75 2.08
CA ALA B 40 -2.37 -10.54 2.30
C ALA B 40 -2.66 -9.11 2.73
N ALA B 41 -1.87 -8.60 3.67
CA ALA B 41 -2.02 -7.24 4.16
C ALA B 41 -1.97 -6.28 2.96
N SER B 42 -1.15 -6.61 1.98
CA SER B 42 -1.00 -5.79 0.77
C SER B 42 -2.26 -5.82 -0.05
N VAL B 43 -2.72 -7.01 -0.41
CA VAL B 43 -3.94 -7.12 -1.19
C VAL B 43 -5.09 -6.45 -0.43
N PHE B 44 -5.15 -6.70 0.88
CA PHE B 44 -6.21 -6.10 1.69
C PHE B 44 -6.26 -4.61 1.42
N ALA B 45 -5.13 -3.96 1.60
CA ALA B 45 -5.06 -2.52 1.41
C ALA B 45 -5.46 -2.05 -0.01
N ILE B 46 -5.00 -2.76 -1.04
CA ILE B 46 -5.33 -2.40 -2.43
C ILE B 46 -6.82 -2.56 -2.66
N PHE B 47 -7.34 -3.67 -2.16
CA PHE B 47 -8.74 -4.00 -2.28
C PHE B 47 -9.62 -2.94 -1.62
N VAL B 48 -9.30 -2.56 -0.38
CA VAL B 48 -10.06 -1.56 0.37
C VAL B 48 -10.04 -0.18 -0.29
N THR B 49 -8.89 0.18 -0.85
CA THR B 49 -8.77 1.45 -1.53
C THR B 49 -9.60 1.36 -2.81
N SER B 50 -9.38 0.28 -3.55
CA SER B 50 -10.12 0.03 -4.78
C SER B 50 -11.61 0.19 -4.50
N SER B 51 -12.09 -0.51 -3.46
CA SER B 51 -13.49 -0.46 -3.07
C SER B 51 -13.93 0.92 -2.60
N SER B 52 -13.18 1.50 -1.66
CA SER B 52 -13.51 2.83 -1.13
C SER B 52 -13.62 3.83 -2.26
N THR B 53 -12.79 3.64 -3.28
CA THR B 53 -12.77 4.49 -4.46
C THR B 53 -14.10 4.32 -5.19
N ALA B 54 -14.54 3.06 -5.31
CA ALA B 54 -15.78 2.74 -5.97
C ALA B 54 -16.96 3.41 -5.26
N LEU B 55 -17.07 3.19 -3.96
CA LEU B 55 -18.13 3.75 -3.13
C LEU B 55 -18.17 5.28 -3.21
N ALA B 56 -17.00 5.88 -3.32
CA ALA B 56 -16.89 7.33 -3.43
C ALA B 56 -17.50 7.85 -4.73
N HIS B 57 -17.48 7.04 -5.80
CA HIS B 57 -18.05 7.47 -7.07
C HIS B 57 -19.55 7.17 -7.12
N LYS B 58 -20.00 6.19 -6.35
CA LYS B 58 -21.42 5.83 -6.30
C LYS B 58 -22.21 6.97 -5.67
N GLN B 59 -21.49 7.82 -4.94
CA GLN B 59 -22.06 8.98 -4.27
C GLN B 59 -21.44 10.17 -5.01
N ASN B 60 -20.91 9.83 -6.18
CA ASN B 60 -20.21 10.71 -7.13
C ASN B 60 -19.44 11.93 -6.63
N HIS B 61 -18.83 11.82 -5.45
CA HIS B 61 -18.03 12.93 -4.93
C HIS B 61 -16.54 12.68 -5.24
N LYS B 62 -15.85 13.76 -5.55
CA LYS B 62 -14.44 13.82 -5.94
C LYS B 62 -13.37 12.93 -5.25
N THR B 63 -13.25 13.03 -3.92
CA THR B 63 -12.24 12.26 -3.19
C THR B 63 -12.77 11.21 -2.20
N ILE B 64 -11.88 10.44 -1.60
CA ILE B 64 -12.24 9.40 -0.64
C ILE B 64 -12.23 9.97 0.77
N THR B 65 -13.38 9.98 1.42
CA THR B 65 -13.48 10.49 2.78
C THR B 65 -13.11 9.36 3.73
N ALA B 66 -13.07 9.66 5.03
CA ALA B 66 -12.76 8.64 6.02
C ALA B 66 -14.01 7.80 6.22
N LYS B 67 -15.16 8.39 5.88
CA LYS B 67 -16.45 7.74 6.02
C LYS B 67 -16.65 6.73 4.90
N ASP B 68 -16.06 7.00 3.74
CA ASP B 68 -16.14 6.09 2.59
C ASP B 68 -15.37 4.83 2.87
N ILE B 69 -14.24 5.00 3.55
CA ILE B 69 -13.40 3.87 3.91
C ILE B 69 -14.08 3.15 5.06
N LEU B 70 -14.69 3.91 5.96
CA LEU B 70 -15.37 3.30 7.10
C LEU B 70 -16.58 2.50 6.60
N GLN B 71 -17.23 2.98 5.54
CA GLN B 71 -18.39 2.30 4.97
C GLN B 71 -17.98 1.08 4.14
N THR B 72 -16.87 1.18 3.42
CA THR B 72 -16.39 0.07 2.61
C THR B 72 -15.94 -1.08 3.52
N LEU B 73 -15.42 -0.75 4.68
CA LEU B 73 -14.98 -1.79 5.61
C LEU B 73 -16.16 -2.56 6.18
N THR B 74 -17.22 -1.84 6.57
CA THR B 74 -18.40 -2.52 7.13
C THR B 74 -19.04 -3.33 6.01
N GLU B 75 -18.86 -2.83 4.79
CA GLU B 75 -19.40 -3.42 3.58
C GLU B 75 -18.63 -4.69 3.17
N LEU B 76 -17.34 -4.75 3.51
CA LEU B 76 -16.54 -5.91 3.16
C LEU B 76 -16.57 -6.94 4.30
N ASP B 77 -17.44 -6.71 5.28
CA ASP B 77 -17.60 -7.59 6.44
C ASP B 77 -16.57 -7.43 7.55
N PHE B 78 -15.83 -6.34 7.48
CA PHE B 78 -14.84 -6.05 8.50
C PHE B 78 -15.45 -4.92 9.30
N GLU B 79 -16.62 -5.16 9.88
CA GLU B 79 -17.26 -4.12 10.66
C GLU B 79 -16.76 -4.08 12.09
N SER B 80 -16.13 -5.16 12.53
CA SER B 80 -15.58 -5.19 13.88
C SER B 80 -14.44 -4.18 13.98
N PHE B 81 -13.97 -3.74 12.82
CA PHE B 81 -12.87 -2.77 12.75
C PHE B 81 -13.34 -1.35 13.04
N VAL B 82 -14.44 -0.97 12.41
CA VAL B 82 -14.99 0.39 12.51
C VAL B 82 -14.99 1.10 13.87
N PRO B 83 -15.30 0.39 14.97
CA PRO B 83 -15.30 1.03 16.29
C PRO B 83 -13.97 1.68 16.64
N SER B 84 -12.93 0.84 16.67
CA SER B 84 -11.57 1.26 16.99
C SER B 84 -11.08 2.35 16.04
N LEU B 85 -11.37 2.16 14.75
CA LEU B 85 -10.98 3.10 13.70
C LEU B 85 -11.65 4.46 13.83
N THR B 86 -12.84 4.50 14.40
CA THR B 86 -13.53 5.75 14.57
C THR B 86 -12.94 6.52 15.74
N GLN B 87 -12.59 5.81 16.80
CA GLN B 87 -11.99 6.46 17.96
C GLN B 87 -10.63 6.96 17.51
N ASP B 88 -9.94 6.14 16.73
CA ASP B 88 -8.62 6.48 16.19
C ASP B 88 -8.77 7.74 15.36
N LEU B 89 -9.85 7.79 14.57
CA LEU B 89 -10.14 8.93 13.70
C LEU B 89 -10.51 10.17 14.50
N GLU B 90 -11.14 9.95 15.65
CA GLU B 90 -11.55 11.03 16.54
C GLU B 90 -10.33 11.69 17.13
N VAL B 91 -9.44 10.87 17.68
CA VAL B 91 -8.21 11.35 18.27
C VAL B 91 -7.33 12.05 17.22
N TYR B 92 -7.31 11.52 16.01
CA TYR B 92 -6.53 12.08 14.90
C TYR B 92 -7.00 13.49 14.56
N ARG B 93 -8.31 13.62 14.34
CA ARG B 93 -8.90 14.90 14.01
C ARG B 93 -8.58 15.94 15.08
N LYS B 94 -8.42 15.50 16.33
CA LYS B 94 -8.11 16.40 17.44
C LYS B 94 -6.68 16.95 17.42
N VAL B 95 -5.69 16.06 17.35
CA VAL B 95 -4.30 16.48 17.30
C VAL B 95 -4.04 17.37 16.09
N VAL B 96 -4.82 17.18 15.03
CA VAL B 96 -4.65 17.99 13.83
C VAL B 96 -5.19 19.40 14.08
N LYS B 97 -6.34 19.50 14.76
CA LYS B 97 -6.92 20.80 15.06
C LYS B 97 -6.23 21.48 16.25
N GLU B 98 -4.89 21.48 16.24
CA GLU B 98 -4.12 22.11 17.32
C GLU B 98 -2.79 22.66 16.80
N LYS B 99 -2.01 21.83 16.12
CA LYS B 99 -0.72 22.26 15.57
C LYS B 99 -0.38 21.41 14.35
N MET C 33 -19.43 -7.55 -2.99
CA MET C 33 -18.38 -7.61 -1.99
C MET C 33 -17.14 -8.36 -2.47
N ASP C 34 -17.36 -9.35 -3.33
CA ASP C 34 -16.29 -10.15 -3.91
C ASP C 34 -16.14 -9.72 -5.37
N THR C 35 -16.38 -8.43 -5.60
CA THR C 35 -16.29 -7.81 -6.92
C THR C 35 -14.88 -7.22 -7.09
N GLY C 36 -14.68 -6.51 -8.19
CA GLY C 36 -13.39 -5.88 -8.46
C GLY C 36 -12.28 -6.30 -7.52
N LEU C 37 -11.92 -7.57 -7.58
CA LEU C 37 -10.86 -8.10 -6.73
C LEU C 37 -9.50 -7.67 -7.23
N ILE C 38 -8.48 -7.92 -6.43
CA ILE C 38 -7.14 -7.55 -6.82
C ILE C 38 -6.44 -8.85 -7.19
N THR C 39 -6.12 -9.00 -8.47
CA THR C 39 -5.44 -10.21 -8.97
C THR C 39 -3.98 -10.19 -8.52
N ASN C 40 -3.28 -11.31 -8.69
CA ASN C 40 -1.88 -11.37 -8.29
C ASN C 40 -0.97 -10.56 -9.20
N GLU C 41 -1.33 -10.52 -10.49
CA GLU C 41 -0.55 -9.78 -11.46
C GLU C 41 -0.60 -8.31 -11.09
N VAL C 42 -1.76 -7.86 -10.63
CA VAL C 42 -1.97 -6.46 -10.22
C VAL C 42 -1.21 -6.11 -8.95
N LEU C 43 -1.15 -7.05 -8.01
CA LEU C 43 -0.43 -6.84 -6.76
C LEU C 43 1.05 -6.68 -7.12
N PHE C 44 1.50 -7.55 -8.02
CA PHE C 44 2.88 -7.54 -8.51
C PHE C 44 3.21 -6.20 -9.16
N LEU C 45 2.38 -5.78 -10.12
CA LEU C 45 2.58 -4.52 -10.83
C LEU C 45 2.58 -3.30 -9.89
N MET C 46 1.67 -3.28 -8.92
CA MET C 46 1.58 -2.19 -7.96
C MET C 46 2.85 -2.07 -7.11
N THR C 47 3.43 -3.22 -6.75
CA THR C 47 4.64 -3.25 -5.93
C THR C 47 5.83 -2.72 -6.72
N LYS C 48 5.98 -3.22 -7.94
CA LYS C 48 7.04 -2.82 -8.82
C LYS C 48 6.99 -1.33 -9.12
N CYS C 49 5.81 -0.81 -9.43
CA CYS C 49 5.73 0.61 -9.74
C CYS C 49 5.89 1.48 -8.49
N THR C 50 5.58 0.95 -7.30
CA THR C 50 5.76 1.72 -6.06
C THR C 50 7.25 1.79 -5.74
N GLU C 51 7.97 0.73 -6.11
CA GLU C 51 9.40 0.70 -5.92
C GLU C 51 10.02 1.76 -6.85
N LEU C 52 9.56 1.81 -8.11
CA LEU C 52 10.06 2.77 -9.08
C LEU C 52 9.88 4.20 -8.61
N PHE C 53 8.78 4.44 -7.90
CA PHE C 53 8.51 5.77 -7.40
C PHE C 53 9.50 6.17 -6.30
N VAL C 54 9.76 5.27 -5.35
CA VAL C 54 10.70 5.55 -4.27
C VAL C 54 12.02 6.09 -4.82
N ARG C 55 12.54 5.37 -5.81
CA ARG C 55 13.79 5.74 -6.47
C ARG C 55 13.63 7.02 -7.24
N HIS C 56 12.63 7.08 -8.10
CA HIS C 56 12.42 8.28 -8.88
C HIS C 56 12.37 9.50 -7.96
N LEU C 57 11.69 9.34 -6.82
CA LEU C 57 11.54 10.44 -5.87
C LEU C 57 12.84 10.76 -5.15
N ALA C 58 13.58 9.74 -4.73
CA ALA C 58 14.85 9.97 -4.04
C ALA C 58 15.85 10.67 -4.97
N GLY C 59 15.92 10.20 -6.23
CA GLY C 59 16.84 10.77 -7.21
C GLY C 59 16.41 12.13 -7.73
N ALA C 60 15.11 12.39 -7.76
CA ALA C 60 14.59 13.68 -8.22
C ALA C 60 14.92 14.76 -7.19
N ALA C 61 14.76 14.45 -5.91
CA ALA C 61 15.04 15.40 -4.84
C ALA C 61 16.54 15.68 -4.78
N TYR C 62 17.34 14.66 -5.09
CA TYR C 62 18.78 14.79 -5.07
C TYR C 62 19.28 15.54 -6.30
N THR C 63 18.75 15.23 -7.47
CA THR C 63 19.15 15.90 -8.70
C THR C 63 18.75 17.36 -8.64
N GLU C 64 17.57 17.63 -8.09
CA GLU C 64 17.08 18.99 -7.99
C GLU C 64 18.00 19.89 -7.20
N GLU C 65 18.57 19.39 -6.12
CA GLU C 65 19.45 20.20 -5.27
C GLU C 65 20.93 20.16 -5.64
N PHE C 66 21.48 18.96 -5.82
CA PHE C 66 22.90 18.82 -6.11
C PHE C 66 23.26 18.47 -7.55
N GLY C 67 22.26 18.37 -8.40
CA GLY C 67 22.50 18.05 -9.80
C GLY C 67 23.49 16.92 -10.04
N GLN C 68 24.57 17.23 -10.73
CA GLN C 68 25.59 16.24 -11.04
C GLN C 68 26.57 16.04 -9.89
N ARG C 69 26.50 16.92 -8.91
CA ARG C 69 27.39 16.83 -7.77
C ARG C 69 27.18 15.53 -7.01
N PRO C 70 28.24 14.76 -6.78
CA PRO C 70 28.09 13.50 -6.07
C PRO C 70 28.31 13.63 -4.57
N GLY C 71 28.08 12.51 -3.86
CA GLY C 71 28.26 12.41 -2.42
C GLY C 71 27.69 13.49 -1.51
N GLU C 72 26.44 13.89 -1.74
CA GLU C 72 25.84 14.91 -0.90
C GLU C 72 24.80 14.31 0.04
N ALA C 73 24.31 15.12 0.98
CA ALA C 73 23.33 14.65 1.93
C ALA C 73 21.94 15.13 1.52
N LEU C 74 21.06 14.18 1.19
CA LEU C 74 19.70 14.50 0.82
C LEU C 74 18.91 14.76 2.11
N LYS C 75 18.38 15.97 2.27
CA LYS C 75 17.62 16.35 3.46
C LYS C 75 16.12 16.40 3.16
N TYR C 76 15.32 16.59 4.20
CA TYR C 76 13.88 16.66 4.04
C TYR C 76 13.45 17.82 3.15
N GLU C 77 13.97 19.00 3.45
CA GLU C 77 13.67 20.21 2.69
C GLU C 77 13.87 20.01 1.18
N HIS C 78 14.71 19.04 0.81
CA HIS C 78 14.97 18.74 -0.59
C HIS C 78 13.78 18.01 -1.20
N LEU C 79 13.14 17.19 -0.38
CA LEU C 79 11.97 16.45 -0.82
C LEU C 79 10.82 17.43 -0.98
N SER C 80 10.49 18.17 0.09
CA SER C 80 9.39 19.14 0.01
C SER C 80 9.60 20.09 -1.17
N GLN C 81 10.86 20.28 -1.53
CA GLN C 81 11.30 21.13 -2.61
C GLN C 81 10.93 20.58 -3.98
N VAL C 82 11.33 19.34 -4.29
CA VAL C 82 10.97 18.73 -5.57
C VAL C 82 9.46 18.65 -5.62
N VAL C 83 8.89 18.06 -4.59
CA VAL C 83 7.44 17.92 -4.50
C VAL C 83 6.76 19.23 -4.86
N ASN C 84 7.43 20.32 -4.52
CA ASN C 84 6.91 21.64 -4.78
C ASN C 84 7.13 22.14 -6.19
N LYS C 85 8.10 21.56 -6.88
CA LYS C 85 8.44 21.97 -8.24
C LYS C 85 7.86 21.05 -9.33
N ASN C 86 8.12 19.75 -9.23
CA ASN C 86 7.64 18.75 -10.21
C ASN C 86 6.13 18.59 -10.22
N LYS C 87 5.54 18.58 -11.41
CA LYS C 87 4.10 18.44 -11.54
C LYS C 87 3.57 17.04 -11.20
N ASN C 88 4.34 15.99 -11.53
CA ASN C 88 3.91 14.64 -11.22
C ASN C 88 4.07 14.30 -9.73
N LEU C 89 4.68 15.22 -8.98
CA LEU C 89 4.87 15.07 -7.55
C LEU C 89 3.95 16.02 -6.78
N GLU C 90 3.14 16.78 -7.51
CA GLU C 90 2.25 17.74 -6.88
C GLU C 90 1.20 17.07 -5.99
N PHE C 91 0.94 15.79 -6.23
CA PHE C 91 -0.06 15.05 -5.43
C PHE C 91 0.41 14.86 -3.99
N LEU C 92 1.70 15.05 -3.75
CA LEU C 92 2.30 14.88 -2.42
C LEU C 92 2.42 16.18 -1.64
N LEU C 93 1.83 17.27 -2.12
CA LEU C 93 1.92 18.55 -1.40
C LEU C 93 1.49 18.52 0.06
N GLN C 94 0.40 17.81 0.36
CA GLN C 94 -0.08 17.73 1.72
C GLN C 94 0.69 16.70 2.50
N ILE C 95 1.30 15.75 1.78
CA ILE C 95 2.06 14.68 2.40
C ILE C 95 3.49 15.09 2.75
N VAL C 96 4.07 16.01 1.97
CA VAL C 96 5.44 16.48 2.21
C VAL C 96 5.48 18.00 2.11
N PRO C 97 5.07 18.70 3.18
CA PRO C 97 5.04 20.18 3.25
C PRO C 97 6.42 20.80 3.52
N GLN C 98 6.48 22.13 3.59
CA GLN C 98 7.75 22.81 3.83
C GLN C 98 8.08 23.03 5.30
N ASP D 7 5.56 1.98 3.56
CA ASP D 7 6.12 1.85 4.91
C ASP D 7 5.63 0.58 5.61
N LEU D 8 4.55 0.00 5.10
CA LEU D 8 3.96 -1.23 5.63
C LEU D 8 3.68 -2.16 4.46
N ASN D 9 3.92 -1.62 3.26
CA ASN D 9 3.77 -2.36 2.01
C ASN D 9 5.19 -2.75 1.64
N LEU D 10 6.11 -1.82 1.92
CA LEU D 10 7.54 -1.96 1.66
C LEU D 10 8.38 -1.78 2.95
N PRO D 11 9.24 -2.77 3.28
CA PRO D 11 10.09 -2.73 4.48
C PRO D 11 11.11 -1.59 4.41
N ASN D 12 11.56 -1.13 5.57
CA ASN D 12 12.54 -0.04 5.61
C ASN D 12 13.91 -0.55 5.20
N ALA D 13 14.04 -1.87 5.10
CA ALA D 13 15.29 -2.48 4.69
C ALA D 13 15.32 -2.45 3.16
N VAL D 14 14.14 -2.25 2.59
CA VAL D 14 13.98 -2.18 1.14
C VAL D 14 14.02 -0.74 0.70
N ILE D 15 13.22 0.10 1.33
CA ILE D 15 13.21 1.52 1.00
C ILE D 15 14.63 2.02 1.23
N GLY D 16 15.40 1.25 1.98
CA GLY D 16 16.77 1.61 2.26
C GLY D 16 17.65 1.31 1.06
N ARG D 17 17.62 0.07 0.58
CA ARG D 17 18.41 -0.32 -0.59
C ARG D 17 17.93 0.43 -1.83
N LEU D 18 16.63 0.77 -1.83
CA LEU D 18 15.97 1.48 -2.93
C LEU D 18 16.47 2.91 -3.12
N ILE D 19 16.48 3.68 -2.03
CA ILE D 19 16.95 5.07 -2.08
C ILE D 19 18.46 5.04 -2.36
N LYS D 20 19.14 3.99 -1.91
CA LYS D 20 20.58 3.87 -2.10
C LYS D 20 20.95 3.56 -3.55
N GLU D 21 20.11 2.83 -4.26
CA GLU D 21 20.39 2.49 -5.65
C GLU D 21 20.08 3.67 -6.56
N ALA D 22 19.39 4.67 -6.01
CA ALA D 22 18.99 5.85 -6.78
C ALA D 22 19.87 7.08 -6.56
N LEU D 23 20.73 7.07 -5.54
CA LEU D 23 21.60 8.21 -5.27
C LEU D 23 23.08 7.93 -5.58
N PRO D 24 23.89 8.97 -5.82
CA PRO D 24 25.32 8.86 -6.13
C PRO D 24 26.17 8.01 -5.17
N GLU D 25 27.21 7.44 -5.75
CA GLU D 25 28.17 6.57 -5.09
C GLU D 25 28.47 6.84 -3.62
N SER D 26 28.47 8.11 -3.23
CA SER D 26 28.78 8.44 -1.86
C SER D 26 27.72 9.28 -1.14
N ALA D 27 26.53 9.41 -1.72
CA ALA D 27 25.44 10.20 -1.13
C ALA D 27 24.83 9.63 0.14
N SER D 28 24.05 10.46 0.83
CA SER D 28 23.38 10.04 2.07
C SER D 28 21.97 10.64 2.16
N VAL D 29 21.18 10.12 3.10
CA VAL D 29 19.82 10.60 3.31
C VAL D 29 19.56 10.66 4.80
N SER D 30 19.18 11.84 5.29
CA SER D 30 18.88 12.01 6.71
C SER D 30 17.72 11.08 7.03
N LYS D 31 17.53 10.79 8.31
CA LYS D 31 16.45 9.91 8.74
C LYS D 31 15.08 10.54 8.47
N GLU D 32 15.01 11.88 8.51
CA GLU D 32 13.77 12.62 8.30
C GLU D 32 13.24 12.56 6.86
N ALA D 33 14.17 12.53 5.89
CA ALA D 33 13.84 12.46 4.48
C ALA D 33 13.55 11.02 4.10
N ARG D 34 14.36 10.13 4.64
CA ARG D 34 14.23 8.69 4.41
C ARG D 34 12.80 8.32 4.83
N ALA D 35 12.32 8.98 5.88
CA ALA D 35 10.98 8.74 6.41
C ALA D 35 9.90 9.34 5.53
N ALA D 36 10.13 10.54 5.03
CA ALA D 36 9.17 11.20 4.15
C ALA D 36 9.00 10.42 2.85
N ILE D 37 10.09 9.86 2.34
CA ILE D 37 10.06 9.09 1.10
C ILE D 37 9.18 7.85 1.23
N ALA D 38 9.25 7.21 2.39
CA ALA D 38 8.46 6.00 2.64
C ALA D 38 6.99 6.35 2.80
N ARG D 39 6.74 7.49 3.42
CA ARG D 39 5.39 7.96 3.63
C ARG D 39 4.79 8.25 2.26
N ALA D 40 5.57 8.89 1.40
CA ALA D 40 5.14 9.24 0.06
C ALA D 40 4.92 8.02 -0.84
N ALA D 41 5.75 6.98 -0.69
CA ALA D 41 5.58 5.78 -1.51
C ALA D 41 4.22 5.15 -1.20
N SER D 42 3.79 5.26 0.06
CA SER D 42 2.52 4.72 0.50
C SER D 42 1.36 5.53 -0.05
N VAL D 43 1.58 6.82 -0.26
CA VAL D 43 0.54 7.69 -0.83
C VAL D 43 0.50 7.48 -2.36
N PHE D 44 1.67 7.30 -2.95
CA PHE D 44 1.78 7.04 -4.37
C PHE D 44 0.93 5.80 -4.67
N ALA D 45 1.17 4.76 -3.90
CA ALA D 45 0.46 3.48 -4.05
C ALA D 45 -1.04 3.63 -3.95
N ILE D 46 -1.51 4.32 -2.90
CA ILE D 46 -2.95 4.54 -2.70
C ILE D 46 -3.51 5.39 -3.83
N PHE D 47 -2.75 6.41 -4.23
CA PHE D 47 -3.18 7.28 -5.29
C PHE D 47 -3.31 6.52 -6.62
N VAL D 48 -2.27 5.79 -7.00
CA VAL D 48 -2.29 5.01 -8.25
C VAL D 48 -3.43 3.99 -8.26
N THR D 49 -3.68 3.33 -7.14
CA THR D 49 -4.76 2.34 -7.05
C THR D 49 -6.09 3.04 -7.25
N SER D 50 -6.23 4.16 -6.55
CA SER D 50 -7.40 4.99 -6.60
C SER D 50 -7.67 5.39 -8.05
N SER D 51 -6.66 6.00 -8.66
CA SER D 51 -6.75 6.47 -10.04
C SER D 51 -7.06 5.36 -11.04
N SER D 52 -6.52 4.17 -10.80
CA SER D 52 -6.77 3.04 -11.70
C SER D 52 -8.17 2.50 -11.52
N THR D 53 -8.69 2.52 -10.30
CA THR D 53 -10.03 2.03 -10.04
C THR D 53 -11.02 2.93 -10.79
N ALA D 54 -10.70 4.22 -10.89
CA ALA D 54 -11.56 5.16 -11.59
C ALA D 54 -11.47 4.89 -13.08
N LEU D 55 -10.24 4.67 -13.57
CA LEU D 55 -9.99 4.38 -14.98
C LEU D 55 -10.75 3.13 -15.38
N ALA D 56 -10.49 2.03 -14.68
CA ALA D 56 -11.16 0.77 -14.98
C ALA D 56 -12.66 1.01 -15.07
N HIS D 57 -13.28 1.47 -13.99
CA HIS D 57 -14.71 1.71 -13.97
C HIS D 57 -15.21 2.54 -15.18
N LYS D 58 -14.36 3.44 -15.69
CA LYS D 58 -14.76 4.26 -16.83
C LYS D 58 -14.82 3.39 -18.09
N GLN D 59 -13.79 2.59 -18.32
CA GLN D 59 -13.77 1.69 -19.47
C GLN D 59 -14.71 0.52 -19.21
N ASN D 60 -15.47 0.63 -18.12
CA ASN D 60 -16.44 -0.38 -17.71
C ASN D 60 -15.78 -1.71 -17.33
N HIS D 61 -15.16 -1.73 -16.15
CA HIS D 61 -14.49 -2.93 -15.65
C HIS D 61 -14.88 -3.20 -14.23
N LYS D 62 -15.03 -4.47 -13.93
CA LYS D 62 -15.35 -4.91 -12.58
C LYS D 62 -14.02 -4.81 -11.84
N THR D 63 -12.99 -5.36 -12.48
CA THR D 63 -11.66 -5.40 -11.90
C THR D 63 -10.61 -4.55 -12.60
N ILE D 64 -9.53 -4.25 -11.87
CA ILE D 64 -8.41 -3.45 -12.36
C ILE D 64 -7.39 -4.35 -13.05
N THR D 65 -6.91 -3.91 -14.21
CA THR D 65 -5.96 -4.70 -14.97
C THR D 65 -4.61 -4.04 -15.01
N ALA D 66 -3.60 -4.82 -15.40
CA ALA D 66 -2.26 -4.30 -15.51
C ALA D 66 -2.34 -3.17 -16.54
N LYS D 67 -3.22 -3.31 -17.52
CA LYS D 67 -3.39 -2.27 -18.53
C LYS D 67 -3.84 -0.98 -17.86
N ASP D 68 -4.84 -1.10 -17.00
CA ASP D 68 -5.38 0.05 -16.28
C ASP D 68 -4.28 0.76 -15.47
N ILE D 69 -3.48 -0.01 -14.74
CA ILE D 69 -2.40 0.54 -13.93
C ILE D 69 -1.42 1.32 -14.78
N LEU D 70 -0.94 0.69 -15.85
CA LEU D 70 0.02 1.33 -16.73
C LEU D 70 -0.57 2.56 -17.42
N GLN D 71 -1.81 2.44 -17.90
CA GLN D 71 -2.49 3.57 -18.55
C GLN D 71 -2.48 4.76 -17.58
N THR D 72 -2.77 4.45 -16.31
CA THR D 72 -2.83 5.43 -15.22
C THR D 72 -1.47 6.09 -14.93
N LEU D 73 -0.42 5.29 -14.81
CA LEU D 73 0.90 5.85 -14.53
C LEU D 73 1.25 6.85 -15.62
N THR D 74 0.71 6.63 -16.81
CA THR D 74 0.96 7.50 -17.97
C THR D 74 0.27 8.85 -17.83
N GLU D 75 -0.99 8.82 -17.38
CA GLU D 75 -1.74 10.04 -17.21
C GLU D 75 -1.34 10.83 -15.97
N LEU D 76 -0.56 10.20 -15.09
CA LEU D 76 -0.12 10.86 -13.87
C LEU D 76 1.31 11.36 -14.08
N ASP D 77 1.77 11.28 -15.33
CA ASP D 77 3.11 11.71 -15.69
C ASP D 77 4.24 10.81 -15.25
N PHE D 78 3.93 9.57 -14.89
CA PHE D 78 4.98 8.63 -14.50
C PHE D 78 5.11 7.69 -15.67
N GLU D 79 4.92 8.25 -16.85
CA GLU D 79 4.98 7.54 -18.13
C GLU D 79 6.29 6.80 -18.37
N SER D 80 7.34 7.22 -17.68
CA SER D 80 8.66 6.60 -17.80
C SER D 80 8.74 5.22 -17.13
N PHE D 81 7.85 4.96 -16.18
CA PHE D 81 7.80 3.67 -15.47
C PHE D 81 7.36 2.58 -16.45
N VAL D 82 6.27 2.86 -17.16
CA VAL D 82 5.64 1.94 -18.12
C VAL D 82 6.55 0.96 -18.87
N PRO D 83 7.54 1.47 -19.63
CA PRO D 83 8.43 0.56 -20.36
C PRO D 83 8.99 -0.58 -19.50
N SER D 84 9.64 -0.21 -18.40
CA SER D 84 10.25 -1.17 -17.48
C SER D 84 9.22 -2.08 -16.81
N LEU D 85 8.12 -1.50 -16.34
CA LEU D 85 7.05 -2.27 -15.69
C LEU D 85 6.51 -3.28 -16.66
N THR D 86 6.66 -2.98 -17.95
CA THR D 86 6.18 -3.87 -19.00
C THR D 86 7.15 -5.03 -19.11
N GLN D 87 8.43 -4.73 -18.98
CA GLN D 87 9.44 -5.75 -19.05
C GLN D 87 9.22 -6.68 -17.86
N ASP D 88 8.88 -6.09 -16.72
CA ASP D 88 8.59 -6.82 -15.48
C ASP D 88 7.45 -7.80 -15.65
N LEU D 89 6.34 -7.33 -16.22
CA LEU D 89 5.15 -8.15 -16.44
C LEU D 89 5.37 -9.32 -17.39
N GLU D 90 6.36 -9.22 -18.25
CA GLU D 90 6.63 -10.31 -19.18
C GLU D 90 7.35 -11.42 -18.47
N VAL D 91 8.36 -11.06 -17.69
CA VAL D 91 9.13 -12.02 -16.91
C VAL D 91 8.17 -12.74 -15.95
N TYR D 92 7.35 -11.95 -15.27
CA TYR D 92 6.35 -12.46 -14.32
C TYR D 92 5.44 -13.45 -15.02
N ARG D 93 4.83 -13.00 -16.13
CA ARG D 93 3.93 -13.87 -16.88
C ARG D 93 4.65 -15.12 -17.37
N LYS D 94 5.99 -15.10 -17.41
CA LYS D 94 6.76 -16.26 -17.85
C LYS D 94 6.96 -17.33 -16.78
N VAL D 95 7.46 -16.95 -15.61
CA VAL D 95 7.64 -17.93 -14.54
C VAL D 95 6.30 -18.31 -13.89
N VAL D 96 5.26 -17.55 -14.20
CA VAL D 96 3.90 -17.81 -13.68
C VAL D 96 3.34 -19.02 -14.44
N LYS D 97 3.44 -18.97 -15.77
CA LYS D 97 2.98 -20.06 -16.64
C LYS D 97 4.14 -21.04 -16.80
N GLU D 98 4.91 -21.21 -15.73
CA GLU D 98 6.06 -22.11 -15.70
C GLU D 98 6.28 -22.62 -14.28
S SO4 E . -4.39 -23.60 -5.50
O1 SO4 E . -3.31 -24.04 -4.58
O2 SO4 E . -5.23 -24.78 -5.85
O3 SO4 E . -5.23 -22.54 -4.85
O4 SO4 E . -3.75 -23.04 -6.73
S SO4 F . 5.14 -24.26 6.48
O1 SO4 F . 6.36 -23.67 7.06
O2 SO4 F . 4.06 -23.28 6.63
O3 SO4 F . 5.34 -24.56 5.04
O4 SO4 F . 4.83 -25.50 7.23
S SO4 G . 16.62 16.71 8.04
O1 SO4 G . 15.96 18.04 8.09
O2 SO4 G . 16.41 15.98 9.32
O3 SO4 G . 16.04 15.91 6.94
O4 SO4 G . 18.07 16.87 7.82
#